data_4MY4
#
_entry.id   4MY4
#
_cell.length_a   73.206
_cell.length_b   81.747
_cell.length_c   89.184
_cell.angle_alpha   90.000
_cell.angle_beta   90.000
_cell.angle_gamma   90.000
#
_symmetry.space_group_name_H-M   'P 21 21 21'
#
loop_
_entity.id
_entity.type
_entity.pdbx_description
1 polymer '2,3-bisphosphoglycerate-independent phosphoglycerate mutase'
2 non-polymer 'MANGANESE (II) ION'
3 water water
#
_entity_poly.entity_id   1
_entity_poly.type   'polypeptide(L)'
_entity_poly.pdbx_seq_one_letter_code
;HHHHHHGSMAKKPTALIILDGFANRESEHGNAVKLANKPNFDRYYNKYPTTQIEASGLDVGLPEGQMGNSEVGHMNIGAG
RIVYQSLTRINKSIEDGDFFENDVLNNAIAHVNSHDSALHIFGLLSDGGVHSHYKHLFALLELAKKQGVEKVYVHAFLDG
RDVDQKSALKYIEETEAKFNELGIGQFASVSGRYYAMDRDKRWEREEKAYNAIRNFDAPTYATAKEGVEASYNEGLTDEF
VVPFIVENQNDGVNDGDAVIFYNFRPDRAAQLSEIFANRAFEGFKVEQVKDLFYATFTKYNDNIDAAIVFEKVDLNNTIG
EIAQNNNLTQLRIAETEKYPHVTYFMSGGRNEEFKGERRRLIDSPKVATYDLKPEMSAYEVKDALLEELNKGDLDLIILN
FANPDMVGHSGMLEPTIKAIEAVDECLGEVVDKILDMDGYAIITADHGNSDQVLTDDDQPMTTHTTNPVPVIVTKEGVTL
RETGRLGDLAPTLLDLLNVEQPEDMTGESLIKH
;
_entity_poly.pdbx_strand_id   A
#
# COMPACT_ATOMS: atom_id res chain seq x y z
N LYS A 11 -26.28 -23.99 -12.48
CA LYS A 11 -25.27 -22.87 -12.61
C LYS A 11 -23.81 -23.34 -12.39
N LYS A 12 -22.98 -23.10 -13.39
CA LYS A 12 -21.58 -23.54 -13.35
C LYS A 12 -20.67 -22.47 -12.73
N PRO A 13 -20.10 -22.78 -11.57
CA PRO A 13 -19.36 -21.70 -10.89
C PRO A 13 -17.94 -21.53 -11.42
N THR A 14 -17.50 -20.28 -11.53
CA THR A 14 -16.08 -19.96 -11.62
C THR A 14 -15.55 -19.23 -10.41
N ALA A 15 -14.46 -19.80 -9.91
CA ALA A 15 -13.85 -19.39 -8.66
C ALA A 15 -12.38 -18.96 -8.86
N LEU A 16 -12.08 -17.82 -8.28
CA LEU A 16 -10.73 -17.44 -8.08
C LEU A 16 -10.38 -17.79 -6.63
N ILE A 17 -9.32 -18.55 -6.45
CA ILE A 17 -8.88 -19.02 -5.16
C ILE A 17 -7.47 -18.48 -4.92
N ILE A 18 -7.38 -17.57 -3.96
CA ILE A 18 -6.18 -16.84 -3.62
C ILE A 18 -5.56 -17.49 -2.38
N LEU A 19 -4.37 -18.05 -2.54
CA LEU A 19 -3.59 -18.60 -1.45
C LEU A 19 -2.73 -17.43 -1.03
N ASP A 20 -3.10 -16.73 0.05
CA ASP A 20 -2.40 -15.48 0.35
C ASP A 20 -0.92 -15.76 0.72
N GLY A 21 0.00 -15.02 0.09
CA GLY A 21 1.44 -15.11 0.45
C GLY A 21 2.08 -16.49 0.21
N PHE A 22 1.97 -16.95 -1.04
CA PHE A 22 2.28 -18.27 -1.49
C PHE A 22 2.90 -18.05 -2.90
N ALA A 23 4.20 -18.27 -3.06
CA ALA A 23 4.85 -17.97 -4.36
C ALA A 23 5.87 -19.03 -4.73
N ASN A 24 6.41 -18.88 -5.97
CA ASN A 24 7.42 -19.77 -6.55
C ASN A 24 8.82 -19.23 -6.28
N ARG A 25 9.65 -20.05 -5.65
CA ARG A 25 11.03 -19.72 -5.31
C ARG A 25 11.87 -21.00 -5.51
N GLU A 26 13.02 -20.84 -6.15
CA GLU A 26 13.86 -22.02 -6.52
C GLU A 26 14.42 -22.71 -5.30
N SER A 27 15.02 -21.93 -4.41
CA SER A 27 15.52 -22.49 -3.15
C SER A 27 14.45 -23.17 -2.27
N GLU A 28 14.82 -24.33 -1.70
CA GLU A 28 13.94 -25.07 -0.77
C GLU A 28 14.20 -24.65 0.64
N HIS A 29 15.28 -23.91 0.84
CA HIS A 29 15.73 -23.59 2.20
C HIS A 29 14.80 -22.57 2.87
N GLY A 30 14.20 -22.96 3.96
CA GLY A 30 13.18 -22.13 4.58
C GLY A 30 11.97 -21.89 3.68
N ASN A 31 11.73 -22.78 2.72
CA ASN A 31 10.62 -22.60 1.75
C ASN A 31 9.44 -23.50 2.12
N ALA A 32 8.44 -22.95 2.81
CA ALA A 32 7.38 -23.81 3.32
C ALA A 32 6.50 -24.36 2.20
N VAL A 33 6.37 -23.60 1.12
CA VAL A 33 5.59 -24.01 -0.07
C VAL A 33 6.16 -25.31 -0.55
N LYS A 34 7.48 -25.35 -0.75
CA LYS A 34 8.13 -26.57 -1.28
C LYS A 34 8.25 -27.72 -0.27
N LEU A 35 8.49 -27.38 1.01
CA LEU A 35 8.57 -28.43 2.04
C LEU A 35 7.22 -29.03 2.49
N ALA A 36 6.12 -28.31 2.34
CA ALA A 36 4.82 -28.84 2.71
C ALA A 36 4.38 -30.01 1.85
N ASN A 37 3.59 -30.91 2.44
CA ASN A 37 2.91 -31.95 1.67
C ASN A 37 1.63 -31.35 1.11
N LYS A 38 1.57 -31.18 -0.20
CA LYS A 38 0.37 -30.54 -0.78
C LYS A 38 -0.11 -31.35 -1.94
N PRO A 39 -0.65 -32.52 -1.62
CA PRO A 39 -1.04 -33.39 -2.71
C PRO A 39 -2.20 -32.85 -3.58
N ASN A 40 -3.13 -32.07 -3.04
CA ASN A 40 -4.17 -31.51 -3.90
C ASN A 40 -3.63 -30.50 -4.91
N PHE A 41 -2.89 -29.53 -4.41
CA PHE A 41 -2.28 -28.54 -5.27
C PHE A 41 -1.44 -29.24 -6.36
N ASP A 42 -0.58 -30.18 -5.93
CA ASP A 42 0.27 -30.91 -6.86
C ASP A 42 -0.54 -31.69 -7.85
N ARG A 43 -1.66 -32.31 -7.48
CA ARG A 43 -2.43 -33.03 -8.51
C ARG A 43 -3.04 -32.04 -9.50
N TYR A 44 -3.53 -30.91 -9.00
CA TYR A 44 -4.09 -29.93 -9.94
C TYR A 44 -3.01 -29.35 -10.85
N TYR A 45 -1.87 -28.99 -10.26
CA TYR A 45 -0.74 -28.44 -10.99
C TYR A 45 -0.26 -29.42 -12.10
N ASN A 46 -0.30 -30.72 -11.82
CA ASN A 46 0.19 -31.72 -12.82
C ASN A 46 -0.84 -32.03 -13.86
N LYS A 47 -2.09 -31.79 -13.54
CA LYS A 47 -3.15 -32.15 -14.44
C LYS A 47 -3.56 -31.02 -15.35
N TYR A 48 -3.48 -29.77 -14.85
CA TYR A 48 -4.11 -28.64 -15.53
C TYR A 48 -3.08 -27.62 -15.98
N PRO A 49 -3.51 -26.75 -16.90
CA PRO A 49 -2.60 -25.74 -17.36
C PRO A 49 -2.16 -24.77 -16.25
N THR A 50 -0.92 -24.36 -16.36
CA THR A 50 -0.25 -23.68 -15.32
C THR A 50 0.64 -22.64 -15.94
N THR A 51 0.87 -21.56 -15.21
CA THR A 51 1.93 -20.60 -15.49
C THR A 51 2.37 -19.87 -14.21
N GLN A 52 3.09 -18.76 -14.35
CA GLN A 52 3.43 -17.97 -13.18
C GLN A 52 3.40 -16.48 -13.56
N ILE A 53 3.01 -15.61 -12.62
CA ILE A 53 2.76 -14.20 -12.94
C ILE A 53 3.37 -13.32 -11.86
N GLU A 54 3.62 -12.07 -12.20
CA GLU A 54 4.33 -11.18 -11.32
C GLU A 54 3.33 -10.49 -10.41
N ALA A 55 3.71 -10.37 -9.14
CA ALA A 55 2.86 -9.73 -8.12
C ALA A 55 3.60 -8.67 -7.28
N SER A 56 4.75 -8.22 -7.78
CA SER A 56 5.60 -7.24 -7.13
C SER A 56 6.04 -6.16 -8.13
N GLY A 57 6.55 -5.07 -7.60
CA GLY A 57 7.09 -4.01 -8.39
C GLY A 57 6.16 -3.36 -9.41
N LEU A 58 6.76 -2.99 -10.55
CA LEU A 58 6.08 -2.20 -11.58
C LEU A 58 4.82 -2.93 -12.11
N ASP A 59 4.88 -4.25 -12.14
CA ASP A 59 3.79 -5.12 -12.60
C ASP A 59 2.49 -4.95 -11.75
N VAL A 60 2.61 -4.50 -10.50
CA VAL A 60 1.42 -4.20 -9.67
C VAL A 60 1.40 -2.76 -9.19
N GLY A 61 2.09 -1.86 -9.88
CA GLY A 61 1.96 -0.45 -9.59
C GLY A 61 2.82 0.09 -8.43
N LEU A 62 3.82 -0.70 -8.09
CA LEU A 62 4.82 -0.39 -7.09
C LEU A 62 6.16 -0.08 -7.75
N PRO A 63 7.08 0.63 -7.04
CA PRO A 63 8.46 0.76 -7.51
C PRO A 63 9.14 -0.58 -7.72
N GLU A 64 10.05 -0.58 -8.70
CA GLU A 64 10.91 -1.67 -8.94
C GLU A 64 11.52 -2.15 -7.64
N GLY A 65 11.51 -3.44 -7.42
CA GLY A 65 12.21 -4.07 -6.28
C GLY A 65 11.33 -4.12 -5.03
N GLN A 66 10.19 -3.44 -5.04
CA GLN A 66 9.27 -3.51 -3.90
C GLN A 66 8.38 -4.75 -3.96
N MET A 67 8.47 -5.56 -2.91
CA MET A 67 7.57 -6.75 -2.68
C MET A 67 6.11 -6.39 -2.72
N GLY A 68 5.31 -7.30 -3.27
CA GLY A 68 3.88 -7.10 -3.30
C GLY A 68 3.30 -7.20 -1.92
N ASN A 69 1.97 -6.95 -1.84
CA ASN A 69 1.25 -7.01 -0.57
C ASN A 69 -0.22 -7.24 -0.80
N SER A 70 -0.96 -7.40 0.29
CA SER A 70 -2.33 -7.88 0.13
C SER A 70 -3.24 -6.83 -0.40
N GLU A 71 -3.03 -5.59 0.01
CA GLU A 71 -3.94 -4.53 -0.40
C GLU A 71 -3.75 -4.21 -1.89
N VAL A 72 -2.51 -4.00 -2.25
CA VAL A 72 -2.17 -3.67 -3.62
C VAL A 72 -2.44 -4.90 -4.48
N GLY A 73 -2.14 -6.10 -3.99
CA GLY A 73 -2.43 -7.32 -4.77
C GLY A 73 -3.93 -7.47 -5.07
N HIS A 74 -4.81 -7.34 -4.05
CA HIS A 74 -6.19 -7.57 -4.27
C HIS A 74 -6.77 -6.42 -5.08
N MET A 75 -6.19 -5.20 -5.01
CA MET A 75 -6.68 -4.12 -5.86
C MET A 75 -6.37 -4.40 -7.36
N ASN A 76 -5.19 -4.94 -7.64
CA ASN A 76 -4.78 -5.29 -9.00
C ASN A 76 -5.59 -6.48 -9.48
N ILE A 77 -5.79 -7.48 -8.65
CA ILE A 77 -6.62 -8.61 -9.04
C ILE A 77 -8.02 -8.19 -9.44
N GLY A 78 -8.66 -7.40 -8.61
CA GLY A 78 -10.02 -7.05 -8.85
C GLY A 78 -10.15 -6.10 -10.04
N ALA A 79 -9.11 -5.39 -10.40
CA ALA A 79 -9.23 -4.30 -11.36
C ALA A 79 -8.98 -4.78 -12.78
N GLY A 80 -8.20 -5.85 -12.95
CA GLY A 80 -7.87 -6.31 -14.30
C GLY A 80 -7.00 -5.34 -15.06
N ARG A 81 -6.16 -4.64 -14.33
CA ARG A 81 -5.27 -3.63 -14.89
C ARG A 81 -4.24 -3.32 -13.82
N ILE A 82 -3.19 -2.62 -14.22
CA ILE A 82 -2.18 -2.22 -13.29
C ILE A 82 -2.74 -1.03 -12.53
N VAL A 83 -2.82 -1.13 -11.21
CA VAL A 83 -3.39 -0.01 -10.42
C VAL A 83 -2.16 0.70 -9.78
N TYR A 84 -1.83 1.86 -10.25
CA TYR A 84 -0.65 2.56 -9.80
C TYR A 84 -0.85 3.10 -8.45
N GLN A 85 0.04 2.79 -7.54
CA GLN A 85 -0.08 3.30 -6.19
C GLN A 85 0.58 4.70 -6.17
N SER A 86 0.43 5.42 -5.06
CA SER A 86 0.86 6.84 -4.98
C SER A 86 2.27 7.16 -5.32
N LEU A 87 3.18 6.33 -4.84
CA LEU A 87 4.59 6.62 -4.98
C LEU A 87 4.90 6.57 -6.46
N THR A 88 4.48 5.48 -7.11
CA THR A 88 4.76 5.36 -8.53
C THR A 88 4.02 6.39 -9.36
N ARG A 89 2.78 6.66 -9.01
CA ARG A 89 1.98 7.67 -9.73
C ARG A 89 2.73 9.00 -9.73
N ILE A 90 3.24 9.38 -8.55
CA ILE A 90 3.91 10.67 -8.41
C ILE A 90 5.29 10.66 -9.09
N ASN A 91 6.04 9.57 -8.90
CA ASN A 91 7.31 9.35 -9.59
C ASN A 91 7.15 9.56 -11.08
N LYS A 92 6.08 8.98 -11.64
CA LYS A 92 5.86 9.01 -13.08
C LYS A 92 5.40 10.39 -13.51
N SER A 93 4.59 11.05 -12.69
CA SER A 93 4.22 12.44 -12.93
C SER A 93 5.45 13.36 -12.98
N ILE A 94 6.43 13.11 -12.16
CA ILE A 94 7.65 13.88 -12.21
C ILE A 94 8.45 13.56 -13.48
N GLU A 95 8.66 12.26 -13.74
CA GLU A 95 9.49 11.79 -14.86
C GLU A 95 8.88 12.32 -16.16
N ASP A 96 7.58 12.42 -16.30
CA ASP A 96 7.08 12.86 -17.58
C ASP A 96 6.47 14.24 -17.66
N GLY A 97 6.76 15.07 -16.65
CA GLY A 97 6.44 16.49 -16.71
C GLY A 97 5.14 17.00 -16.11
N ASP A 98 4.09 16.16 -16.06
CA ASP A 98 2.81 16.63 -15.56
C ASP A 98 2.87 17.28 -14.17
N PHE A 99 3.80 16.79 -13.37
CA PHE A 99 3.97 17.27 -11.98
C PHE A 99 4.18 18.78 -12.00
N PHE A 100 5.06 19.25 -12.87
CA PHE A 100 5.42 20.64 -12.89
C PHE A 100 4.30 21.50 -13.46
N GLU A 101 3.32 20.85 -14.08
CA GLU A 101 2.13 21.51 -14.57
C GLU A 101 1.00 21.47 -13.59
N ASN A 102 1.16 20.75 -12.48
CA ASN A 102 -0.01 20.48 -11.60
C ASN A 102 -0.72 21.75 -11.20
N ASP A 103 -2.03 21.79 -11.27
CA ASP A 103 -2.79 23.00 -10.95
C ASP A 103 -2.66 23.38 -9.50
N VAL A 104 -2.84 22.41 -8.61
CA VAL A 104 -2.77 22.69 -7.22
C VAL A 104 -1.39 23.24 -6.77
N LEU A 105 -0.30 22.65 -7.23
CA LEU A 105 1.03 23.17 -6.85
C LEU A 105 1.26 24.57 -7.43
N ASN A 106 0.80 24.78 -8.65
CA ASN A 106 1.01 26.08 -9.26
C ASN A 106 0.15 27.19 -8.64
N ASN A 107 -1.06 26.84 -8.17
CA ASN A 107 -1.88 27.78 -7.39
C ASN A 107 -1.29 28.10 -6.05
N ALA A 108 -0.76 27.07 -5.35
CA ALA A 108 0.05 27.32 -4.12
C ALA A 108 1.09 28.36 -4.35
N ILE A 109 1.79 28.25 -5.48
CA ILE A 109 2.92 29.12 -5.80
C ILE A 109 2.43 30.53 -6.18
N ALA A 110 1.33 30.58 -6.95
CA ALA A 110 0.71 31.85 -7.31
C ALA A 110 0.21 32.58 -6.07
N HIS A 111 -0.33 31.87 -5.10
CA HIS A 111 -0.69 32.46 -3.77
C HIS A 111 0.50 33.13 -3.09
N VAL A 112 1.65 32.45 -3.07
CA VAL A 112 2.81 33.00 -2.40
C VAL A 112 3.35 34.21 -3.19
N ASN A 113 3.45 34.04 -4.51
CA ASN A 113 4.03 35.02 -5.40
C ASN A 113 3.18 36.23 -5.34
N SER A 114 1.87 36.06 -5.34
CA SER A 114 0.97 37.17 -5.34
C SER A 114 0.82 37.83 -3.99
N HIS A 115 1.16 37.17 -2.89
CA HIS A 115 1.13 37.80 -1.55
C HIS A 115 2.51 38.26 -1.06
N ASP A 116 3.54 38.14 -1.89
CA ASP A 116 4.94 38.23 -1.38
C ASP A 116 5.07 37.64 0.07
N SER A 117 4.71 36.35 0.19
CA SER A 117 4.72 35.65 1.47
C SER A 117 5.74 34.51 1.36
N ALA A 118 5.58 33.42 2.16
CA ALA A 118 6.59 32.32 2.12
C ALA A 118 5.97 30.95 1.74
N LEU A 119 6.72 30.14 1.03
CA LEU A 119 6.33 28.76 0.79
C LEU A 119 7.00 27.85 1.84
N HIS A 120 6.19 27.06 2.53
CA HIS A 120 6.67 26.06 3.43
C HIS A 120 6.45 24.66 2.82
N ILE A 121 7.39 23.77 3.03
CA ILE A 121 7.19 22.40 2.59
C ILE A 121 7.34 21.47 3.80
N PHE A 122 6.36 20.62 4.01
CA PHE A 122 6.42 19.65 5.13
C PHE A 122 6.59 18.24 4.54
N GLY A 123 7.34 17.37 5.24
CA GLY A 123 7.36 15.97 4.89
C GLY A 123 8.41 15.06 5.56
N LEU A 124 8.18 13.77 5.44
CA LEU A 124 9.11 12.76 5.90
C LEU A 124 10.30 12.69 4.93
N LEU A 125 11.44 13.17 5.43
CA LEU A 125 12.69 13.25 4.69
C LEU A 125 13.49 11.94 4.71
N SER A 126 13.03 10.99 3.91
CA SER A 126 13.76 9.76 3.66
C SER A 126 13.31 9.21 2.32
N ASP A 127 13.93 8.07 1.94
CA ASP A 127 13.48 7.25 0.83
C ASP A 127 12.73 5.98 1.29
N GLY A 128 12.17 6.00 2.49
CA GLY A 128 11.35 4.89 2.95
C GLY A 128 10.24 4.50 1.97
N GLY A 129 9.48 5.46 1.48
CA GLY A 129 8.56 5.17 0.41
C GLY A 129 7.24 4.62 0.97
N VAL A 130 7.09 4.52 2.26
CA VAL A 130 5.83 4.15 2.88
C VAL A 130 4.93 5.37 2.99
N HIS A 131 5.50 6.50 3.45
CA HIS A 131 4.70 7.72 3.66
C HIS A 131 5.00 8.86 2.72
N SER A 132 6.20 8.76 2.10
CA SER A 132 6.75 9.85 1.31
C SER A 132 7.94 9.35 0.54
N HIS A 133 8.46 10.23 -0.30
CA HIS A 133 9.80 10.07 -0.85
C HIS A 133 10.44 11.45 -0.96
N TYR A 134 11.63 11.57 -0.40
CA TYR A 134 12.34 12.91 -0.33
C TYR A 134 12.72 13.43 -1.72
N LYS A 135 12.72 12.56 -2.70
CA LYS A 135 12.97 13.05 -4.07
C LYS A 135 11.80 13.87 -4.60
N HIS A 136 10.61 13.71 -4.03
CA HIS A 136 9.47 14.58 -4.34
C HIS A 136 9.71 16.00 -3.72
N LEU A 137 10.38 16.09 -2.59
CA LEU A 137 10.81 17.41 -2.12
C LEU A 137 11.70 18.07 -3.17
N PHE A 138 12.64 17.34 -3.75
CA PHE A 138 13.51 17.97 -4.69
C PHE A 138 12.75 18.49 -5.89
N ALA A 139 11.80 17.70 -6.39
CA ALA A 139 10.96 18.17 -7.49
C ALA A 139 10.16 19.45 -7.14
N LEU A 140 9.70 19.57 -5.91
CA LEU A 140 8.98 20.79 -5.49
C LEU A 140 9.92 22.01 -5.47
N LEU A 141 11.15 21.78 -5.02
CA LEU A 141 12.14 22.83 -5.00
C LEU A 141 12.47 23.35 -6.39
N GLU A 142 12.64 22.42 -7.33
CA GLU A 142 12.77 22.73 -8.73
C GLU A 142 11.59 23.53 -9.29
N LEU A 143 10.37 23.07 -9.04
CA LEU A 143 9.20 23.83 -9.47
C LEU A 143 9.18 25.25 -8.89
N ALA A 144 9.42 25.37 -7.59
CA ALA A 144 9.43 26.70 -6.94
C ALA A 144 10.48 27.59 -7.57
N LYS A 145 11.63 27.02 -7.86
CA LYS A 145 12.68 27.78 -8.48
C LYS A 145 12.28 28.21 -9.90
N LYS A 146 11.75 27.30 -10.70
CA LYS A 146 11.25 27.65 -12.04
C LYS A 146 10.21 28.79 -12.01
N GLN A 147 9.33 28.80 -11.01
CA GLN A 147 8.30 29.83 -10.91
C GLN A 147 8.77 31.05 -10.15
N GLY A 148 10.05 31.09 -9.79
CA GLY A 148 10.66 32.26 -9.20
C GLY A 148 10.30 32.53 -7.76
N VAL A 149 9.87 31.53 -6.99
CA VAL A 149 9.58 31.84 -5.60
C VAL A 149 10.89 32.14 -4.89
N GLU A 150 10.89 33.07 -3.95
CA GLU A 150 12.14 33.48 -3.28
C GLU A 150 12.38 32.71 -1.94
N LYS A 151 11.38 32.76 -1.06
CA LYS A 151 11.49 32.18 0.27
C LYS A 151 10.80 30.80 0.28
N VAL A 152 11.60 29.71 0.30
CA VAL A 152 11.18 28.33 0.68
C VAL A 152 11.77 27.77 2.00
N TYR A 153 10.87 27.45 2.90
CA TYR A 153 11.23 26.91 4.21
C TYR A 153 10.85 25.43 4.24
N VAL A 154 11.83 24.56 4.53
CA VAL A 154 11.56 23.12 4.58
C VAL A 154 11.52 22.66 6.04
N HIS A 155 10.42 22.02 6.40
CA HIS A 155 10.24 21.42 7.71
C HIS A 155 10.47 19.89 7.57
N ALA A 156 11.58 19.45 8.11
CA ALA A 156 12.03 18.07 7.94
C ALA A 156 11.46 17.26 9.04
N PHE A 157 10.74 16.21 8.68
CA PHE A 157 10.37 15.18 9.65
C PHE A 157 11.30 13.96 9.43
N LEU A 158 11.98 13.50 10.48
CA LEU A 158 13.00 12.51 10.33
C LEU A 158 12.40 11.12 10.55
N ASP A 159 12.94 10.17 9.80
CA ASP A 159 12.32 8.83 9.67
C ASP A 159 12.89 7.84 10.68
N GLY A 160 13.90 7.06 10.27
CA GLY A 160 14.51 6.08 11.18
C GLY A 160 13.68 4.81 11.41
N ARG A 161 12.53 4.75 10.72
CA ARG A 161 11.55 3.70 10.99
C ARG A 161 11.30 2.92 9.74
N ASP A 162 10.98 3.61 8.64
CA ASP A 162 10.90 2.94 7.34
C ASP A 162 12.28 2.75 6.70
N VAL A 163 13.35 3.20 7.33
CA VAL A 163 14.73 3.13 6.79
C VAL A 163 15.58 2.93 8.04
N ASP A 164 16.89 2.82 7.88
CA ASP A 164 17.78 2.55 9.02
C ASP A 164 17.54 3.60 10.12
N GLN A 165 17.62 3.16 11.38
CA GLN A 165 17.27 4.03 12.51
C GLN A 165 18.17 5.26 12.78
N LYS A 166 19.41 5.22 12.27
CA LYS A 166 20.26 6.41 12.23
C LYS A 166 20.74 6.71 10.81
N SER A 167 19.88 7.31 9.99
CA SER A 167 20.21 7.57 8.61
C SER A 167 19.91 9.02 8.23
N ALA A 168 19.32 9.78 9.15
CA ALA A 168 18.86 11.16 8.91
C ALA A 168 19.96 12.08 8.34
N LEU A 169 21.23 11.89 8.79
CA LEU A 169 22.32 12.77 8.40
C LEU A 169 22.62 12.71 6.93
N LYS A 170 22.50 11.54 6.33
CA LYS A 170 22.70 11.44 4.91
C LYS A 170 21.58 12.12 4.10
N TYR A 171 20.31 12.02 4.50
CA TYR A 171 19.27 12.68 3.72
C TYR A 171 19.39 14.18 3.91
N ILE A 172 19.75 14.59 5.10
CA ILE A 172 19.94 16.00 5.39
C ILE A 172 21.10 16.56 4.54
N GLU A 173 22.20 15.81 4.48
CA GLU A 173 23.36 16.24 3.72
C GLU A 173 23.01 16.43 2.26
N GLU A 174 22.40 15.42 1.65
CA GLU A 174 22.01 15.54 0.28
C GLU A 174 21.05 16.71 0.06
N THR A 175 20.11 16.89 0.96
CA THR A 175 19.13 17.97 0.80
C THR A 175 19.83 19.33 0.88
N GLU A 176 20.79 19.49 1.79
CA GLU A 176 21.56 20.74 1.89
C GLU A 176 22.31 21.02 0.56
N ALA A 177 22.87 19.99 -0.06
CA ALA A 177 23.48 20.18 -1.37
C ALA A 177 22.43 20.57 -2.40
N LYS A 178 21.20 20.02 -2.32
CA LYS A 178 20.14 20.45 -3.26
C LYS A 178 19.84 21.92 -3.11
N PHE A 179 19.75 22.45 -1.88
CA PHE A 179 19.49 23.86 -1.69
C PHE A 179 20.57 24.75 -2.39
N ASN A 180 21.80 24.30 -2.29
CA ASN A 180 22.93 25.00 -2.87
C ASN A 180 22.96 24.86 -4.37
N GLU A 181 22.70 23.66 -4.90
CA GLU A 181 22.62 23.41 -6.34
C GLU A 181 21.49 24.18 -7.03
N LEU A 182 20.37 24.38 -6.35
CA LEU A 182 19.23 25.05 -6.98
C LEU A 182 19.22 26.50 -6.58
N GLY A 183 19.99 26.84 -5.58
CA GLY A 183 19.97 28.18 -5.07
C GLY A 183 18.63 28.55 -4.49
N ILE A 184 17.96 27.59 -3.84
CA ILE A 184 16.69 27.90 -3.18
C ILE A 184 16.47 26.90 -2.01
N GLY A 185 15.89 27.40 -0.91
CA GLY A 185 15.37 26.54 0.15
C GLY A 185 16.33 26.47 1.29
N GLN A 186 15.81 26.15 2.47
CA GLN A 186 16.56 26.05 3.71
C GLN A 186 15.76 25.29 4.70
N PHE A 187 16.44 24.60 5.63
CA PHE A 187 15.73 23.90 6.66
C PHE A 187 15.39 24.91 7.68
N ALA A 188 14.13 24.90 8.11
CA ALA A 188 13.59 25.82 9.05
C ALA A 188 13.34 25.15 10.37
N SER A 189 13.02 23.86 10.34
CA SER A 189 12.72 23.12 11.55
C SER A 189 12.96 21.67 11.26
N VAL A 190 13.21 20.90 12.29
CA VAL A 190 13.56 19.49 12.17
C VAL A 190 12.90 18.75 13.34
N SER A 191 12.09 17.73 13.04
CA SER A 191 11.33 16.98 14.03
C SER A 191 11.35 15.47 13.77
N GLY A 192 11.53 14.67 14.81
CA GLY A 192 11.33 13.26 14.69
C GLY A 192 9.89 13.00 14.27
N ARG A 193 9.73 11.99 13.47
CA ARG A 193 8.40 11.54 13.06
C ARG A 193 7.51 11.15 14.26
N TYR A 194 8.13 10.81 15.38
CA TYR A 194 7.38 10.59 16.63
C TYR A 194 6.47 11.75 16.99
N TYR A 195 6.89 12.97 16.65
CA TYR A 195 6.22 14.20 17.05
C TYR A 195 5.32 14.70 15.95
N ALA A 196 5.91 14.83 14.74
CA ALA A 196 5.22 15.33 13.59
C ALA A 196 4.25 14.35 12.90
N MET A 197 4.43 13.08 13.12
CA MET A 197 3.66 12.07 12.41
C MET A 197 3.04 11.02 13.32
N ASP A 198 2.60 11.46 14.48
CA ASP A 198 1.88 10.62 15.43
C ASP A 198 0.49 10.37 14.83
N ARG A 199 -0.11 9.21 15.12
CA ARG A 199 -1.44 8.85 14.60
C ARG A 199 -2.44 8.39 15.72
N ASP A 200 -2.16 8.67 16.98
CA ASP A 200 -2.96 8.16 18.11
C ASP A 200 -3.45 9.34 18.93
N LYS A 201 -3.68 10.46 18.28
CA LYS A 201 -4.17 11.66 18.94
C LYS A 201 -3.40 12.03 20.18
N ARG A 202 -2.09 11.83 20.16
CA ARG A 202 -1.19 12.32 21.23
C ARG A 202 -0.73 13.73 20.89
N TRP A 203 -1.58 14.66 21.30
CA TRP A 203 -1.46 16.02 20.84
C TRP A 203 -0.29 16.73 21.45
N GLU A 204 0.11 16.37 22.69
CA GLU A 204 1.34 16.91 23.32
C GLU A 204 2.53 16.78 22.32
N ARG A 205 2.64 15.62 21.66
CA ARG A 205 3.83 15.32 20.79
C ARG A 205 3.75 16.25 19.61
N GLU A 206 2.60 16.24 18.94
CA GLU A 206 2.30 17.14 17.82
C GLU A 206 2.57 18.62 18.11
N GLU A 207 2.20 19.06 19.29
CA GLU A 207 2.31 20.52 19.62
C GLU A 207 3.77 20.95 19.65
N LYS A 208 4.65 20.03 20.04
CA LYS A 208 6.10 20.25 19.94
C LYS A 208 6.60 20.42 18.53
N ALA A 209 6.15 19.56 17.62
CA ALA A 209 6.50 19.72 16.22
C ALA A 209 5.94 21.06 15.67
N TYR A 210 4.66 21.34 15.93
CA TYR A 210 3.96 22.63 15.56
C TYR A 210 4.71 23.85 16.02
N ASN A 211 5.09 23.84 17.27
CA ASN A 211 5.79 24.98 17.90
C ASN A 211 7.12 25.22 17.27
N ALA A 212 7.82 24.16 16.85
CA ALA A 212 9.08 24.39 16.13
C ALA A 212 8.82 24.87 14.70
N ILE A 213 7.90 24.22 13.99
CA ILE A 213 7.54 24.67 12.65
C ILE A 213 7.23 26.17 12.69
N ARG A 214 6.52 26.59 13.72
CA ARG A 214 6.02 27.96 13.79
C ARG A 214 6.95 28.99 14.44
N ASN A 215 8.15 28.59 14.84
CA ASN A 215 9.07 29.48 15.47
C ASN A 215 8.53 29.97 16.81
N PHE A 216 7.71 29.19 17.47
CA PHE A 216 7.28 29.50 18.85
C PHE A 216 8.28 28.83 19.82
N ASP A 217 7.85 27.95 20.68
CA ASP A 217 8.75 27.35 21.62
C ASP A 217 9.50 26.09 21.05
N ALA A 218 10.84 26.09 21.08
CA ALA A 218 11.68 24.91 20.78
C ALA A 218 13.16 25.24 20.97
N PRO A 219 13.99 24.22 21.20
CA PRO A 219 15.45 24.43 21.08
C PRO A 219 15.86 24.92 19.72
N THR A 220 17.03 25.55 19.63
CA THR A 220 17.57 25.95 18.34
C THR A 220 19.01 25.53 18.18
N TYR A 221 19.33 25.18 16.95
CA TYR A 221 20.70 24.77 16.58
C TYR A 221 21.01 25.47 15.29
N ALA A 222 22.30 25.51 14.92
CA ALA A 222 22.75 26.31 13.76
C ALA A 222 22.47 25.63 12.46
N THR A 223 22.40 24.29 12.51
CA THR A 223 22.20 23.47 11.31
C THR A 223 21.33 22.29 11.70
N ALA A 224 20.64 21.75 10.70
CA ALA A 224 19.93 20.51 10.87
C ALA A 224 20.89 19.43 11.42
N LYS A 225 22.11 19.33 10.82
CA LYS A 225 23.07 18.31 11.28
C LYS A 225 23.37 18.45 12.75
N GLU A 226 23.61 19.69 13.20
CA GLU A 226 24.00 19.93 14.57
C GLU A 226 22.93 19.44 15.54
N GLY A 227 21.66 19.70 15.27
CA GLY A 227 20.61 19.29 16.20
C GLY A 227 20.44 17.77 16.23
N VAL A 228 20.61 17.14 15.07
CA VAL A 228 20.48 15.68 15.01
C VAL A 228 21.66 15.02 15.73
N GLU A 229 22.85 15.52 15.45
CA GLU A 229 24.06 15.05 16.13
C GLU A 229 23.91 15.22 17.65
N ALA A 230 23.36 16.38 18.10
CA ALA A 230 23.13 16.54 19.54
C ALA A 230 22.15 15.46 20.07
N SER A 231 21.15 15.13 19.26
CA SER A 231 20.15 14.13 19.65
C SER A 231 20.85 12.75 19.76
N TYR A 232 21.63 12.41 18.75
CA TYR A 232 22.34 11.12 18.79
C TYR A 232 23.18 11.02 20.07
N ASN A 233 23.81 12.11 20.44
CA ASN A 233 24.61 12.17 21.65
C ASN A 233 23.87 11.88 22.93
N GLU A 234 22.59 12.21 22.98
CA GLU A 234 21.75 11.89 24.09
C GLU A 234 21.06 10.53 23.94
N GLY A 235 21.47 9.74 22.95
CA GLY A 235 20.83 8.41 22.73
C GLY A 235 19.44 8.48 22.09
N LEU A 236 19.16 9.56 21.37
CA LEU A 236 17.86 9.67 20.72
C LEU A 236 18.04 9.66 19.22
N THR A 237 17.61 8.59 18.57
CA THR A 237 17.84 8.40 17.15
C THR A 237 16.74 9.15 16.37
N ASP A 238 16.82 9.06 15.03
CA ASP A 238 15.97 9.81 14.08
C ASP A 238 14.51 10.02 14.46
N GLU A 239 13.80 8.90 14.61
CA GLU A 239 12.38 8.88 14.87
C GLU A 239 12.06 9.79 16.04
N PHE A 240 12.97 9.92 17.01
CA PHE A 240 12.64 10.51 18.31
C PHE A 240 13.33 11.89 18.53
N VAL A 241 13.90 12.45 17.47
CA VAL A 241 14.53 13.76 17.57
C VAL A 241 13.53 14.82 18.06
N VAL A 242 13.87 15.51 19.15
CA VAL A 242 13.00 16.51 19.69
C VAL A 242 12.97 17.68 18.71
N PRO A 243 11.75 18.18 18.37
CA PRO A 243 11.72 19.19 17.33
C PRO A 243 12.56 20.38 17.70
N PHE A 244 13.22 20.92 16.69
CA PHE A 244 14.04 22.10 16.87
C PHE A 244 14.01 23.00 15.66
N ILE A 245 14.32 24.27 15.92
CA ILE A 245 14.37 25.33 14.93
C ILE A 245 15.79 25.56 14.53
N VAL A 246 15.98 25.90 13.26
CA VAL A 246 17.27 26.16 12.74
C VAL A 246 17.51 27.66 12.75
N GLU A 247 18.54 28.05 13.50
CA GLU A 247 18.77 29.46 13.79
C GLU A 247 18.88 30.29 12.52
N ASN A 248 18.18 31.44 12.54
CA ASN A 248 18.14 32.41 11.44
C ASN A 248 17.54 31.86 10.20
N GLN A 249 16.94 30.66 10.24
CA GLN A 249 16.35 30.12 9.00
C GLN A 249 14.86 29.85 9.12
N ASN A 250 14.25 30.30 10.20
CA ASN A 250 12.83 30.16 10.41
C ASN A 250 12.17 31.51 10.75
N ASP A 251 11.29 32.01 9.89
CA ASP A 251 10.54 33.28 10.13
C ASP A 251 9.07 33.05 10.36
N GLY A 252 8.72 31.84 10.80
CA GLY A 252 7.33 31.53 11.17
C GLY A 252 6.42 31.18 10.00
N VAL A 253 5.26 30.65 10.36
CA VAL A 253 4.14 30.54 9.41
C VAL A 253 3.19 31.73 9.67
N ASN A 254 3.18 32.64 8.72
CA ASN A 254 2.43 33.91 8.81
C ASN A 254 1.30 34.04 7.76
N ASP A 255 0.32 34.87 8.11
CA ASP A 255 -0.83 35.07 7.23
C ASP A 255 -0.38 35.27 5.80
N GLY A 256 -0.98 34.53 4.89
CA GLY A 256 -0.65 34.67 3.48
C GLY A 256 0.26 33.59 2.95
N ASP A 257 0.89 32.84 3.85
CA ASP A 257 1.83 31.77 3.46
C ASP A 257 1.11 30.60 2.78
N ALA A 258 1.91 29.73 2.20
CA ALA A 258 1.44 28.45 1.64
C ALA A 258 2.27 27.31 2.24
N VAL A 259 1.60 26.17 2.38
CA VAL A 259 2.23 24.93 2.79
C VAL A 259 1.95 23.85 1.77
N ILE A 260 2.99 23.08 1.44
CA ILE A 260 2.81 21.86 0.65
C ILE A 260 3.32 20.67 1.47
N PHE A 261 2.46 19.69 1.72
CA PHE A 261 2.82 18.54 2.53
C PHE A 261 3.01 17.42 1.50
N TYR A 262 4.24 16.92 1.35
CA TYR A 262 4.50 15.89 0.33
C TYR A 262 4.23 14.43 0.72
N ASN A 263 3.98 14.15 1.99
CA ASN A 263 3.52 12.83 2.39
C ASN A 263 2.31 12.44 1.57
N PHE A 264 2.23 11.19 1.13
CA PHE A 264 1.08 10.72 0.41
C PHE A 264 0.18 9.78 1.22
N ARG A 265 0.67 9.34 2.36
CA ARG A 265 -0.04 8.40 3.18
C ARG A 265 -0.85 9.09 4.26
N PRO A 266 -2.17 8.81 4.30
CA PRO A 266 -2.93 9.72 5.12
C PRO A 266 -2.75 9.65 6.63
N ASP A 267 -2.57 8.47 7.18
CA ASP A 267 -2.83 8.31 8.61
C ASP A 267 -1.90 9.17 9.50
N ARG A 268 -0.63 9.21 9.13
CA ARG A 268 0.36 9.88 9.95
C ARG A 268 0.52 11.35 9.61
N ALA A 269 -0.18 11.79 8.56
CA ALA A 269 -0.11 13.21 8.15
C ALA A 269 -1.33 14.03 8.53
N ALA A 270 -2.39 13.34 8.85
CA ALA A 270 -3.65 13.99 9.15
C ALA A 270 -3.61 14.88 10.33
N GLN A 271 -3.00 14.40 11.43
CA GLN A 271 -3.08 15.20 12.63
C GLN A 271 -2.44 16.57 12.50
N LEU A 272 -1.20 16.62 12.02
CA LEU A 272 -0.48 17.87 11.87
C LEU A 272 -1.28 18.84 10.95
N SER A 273 -1.93 18.28 9.93
CA SER A 273 -2.71 19.03 8.96
C SER A 273 -4.01 19.60 9.61
N GLU A 274 -4.61 18.85 10.55
CA GLU A 274 -5.75 19.37 11.29
C GLU A 274 -5.37 20.55 12.15
N ILE A 275 -4.16 20.53 12.69
CA ILE A 275 -3.72 21.61 13.52
C ILE A 275 -3.67 22.92 12.72
N PHE A 276 -3.19 22.84 11.50
CA PHE A 276 -3.04 24.02 10.68
C PHE A 276 -4.30 24.41 9.91
N ALA A 277 -5.07 23.39 9.49
CA ALA A 277 -6.10 23.63 8.47
C ALA A 277 -7.45 22.97 8.74
N ASN A 278 -7.68 22.53 9.99
CA ASN A 278 -8.98 22.17 10.49
C ASN A 278 -9.48 23.30 11.42
N ARG A 279 -10.41 24.12 10.93
CA ARG A 279 -10.96 25.29 11.68
C ARG A 279 -11.54 24.89 13.03
N ALA A 280 -12.07 23.67 13.10
CA ALA A 280 -12.68 23.14 14.32
C ALA A 280 -11.69 22.42 15.21
N PHE A 281 -10.41 22.41 14.85
CA PHE A 281 -9.41 21.71 15.69
C PHE A 281 -9.42 22.15 17.14
N GLU A 282 -9.46 21.20 18.04
CA GLU A 282 -9.50 21.46 19.47
C GLU A 282 -8.51 20.55 20.26
N GLY A 283 -7.54 19.92 19.61
CA GLY A 283 -6.54 19.13 20.36
C GLY A 283 -5.75 19.94 21.33
N PHE A 284 -5.43 21.16 20.94
CA PHE A 284 -4.95 22.15 21.86
C PHE A 284 -5.30 23.46 21.23
N LYS A 285 -5.10 24.52 21.99
CA LYS A 285 -5.53 25.83 21.54
C LYS A 285 -4.53 26.41 20.58
N VAL A 286 -5.02 27.00 19.50
CA VAL A 286 -4.21 27.59 18.46
C VAL A 286 -4.89 28.84 17.95
N GLU A 287 -4.11 29.80 17.40
CA GLU A 287 -4.61 30.83 16.49
C GLU A 287 -4.12 30.42 15.12
N GLN A 288 -5.02 29.94 14.26
CA GLN A 288 -4.66 29.45 12.94
C GLN A 288 -4.20 30.54 12.02
N VAL A 289 -3.47 30.14 10.98
CA VAL A 289 -2.88 31.13 10.10
C VAL A 289 -3.98 31.67 9.20
N LYS A 290 -4.00 33.00 9.00
CA LYS A 290 -5.03 33.56 8.14
C LYS A 290 -4.52 33.58 6.72
N ASP A 291 -5.40 33.26 5.78
CA ASP A 291 -5.10 33.25 4.36
C ASP A 291 -3.98 32.26 3.96
N LEU A 292 -4.04 31.09 4.60
CA LEU A 292 -3.11 30.02 4.37
C LEU A 292 -3.49 29.15 3.19
N PHE A 293 -2.67 28.97 2.19
CA PHE A 293 -3.00 28.02 1.18
C PHE A 293 -2.37 26.70 1.61
N TYR A 294 -3.21 25.72 1.97
CA TYR A 294 -2.69 24.47 2.50
C TYR A 294 -2.89 23.34 1.53
N ALA A 295 -1.81 22.86 0.93
CA ALA A 295 -1.87 21.80 -0.06
C ALA A 295 -1.31 20.44 0.44
N THR A 296 -2.06 19.35 0.22
CA THR A 296 -1.62 18.01 0.65
C THR A 296 -1.49 17.09 -0.57
N PHE A 297 -0.48 16.21 -0.57
CA PHE A 297 -0.24 15.44 -1.79
C PHE A 297 -1.43 14.55 -2.04
N THR A 298 -2.02 14.01 -0.99
CA THR A 298 -3.29 13.35 -1.13
C THR A 298 -4.24 13.85 -0.11
N LYS A 299 -5.47 13.35 -0.17
CA LYS A 299 -6.45 13.75 0.76
C LYS A 299 -6.29 12.97 2.04
N TYR A 300 -5.96 13.63 3.14
CA TYR A 300 -5.64 12.86 4.34
C TYR A 300 -6.88 12.48 5.14
N ASN A 301 -7.88 13.38 5.20
CA ASN A 301 -9.23 13.10 5.77
C ASN A 301 -10.20 14.20 5.33
N ASP A 302 -11.47 14.09 5.67
CA ASP A 302 -12.46 15.10 5.22
C ASP A 302 -12.62 16.29 6.22
N ASN A 303 -11.83 16.35 7.30
CA ASN A 303 -11.90 17.51 8.16
C ASN A 303 -10.74 18.52 7.99
N ILE A 304 -10.00 18.40 6.90
CA ILE A 304 -8.87 19.28 6.62
C ILE A 304 -9.21 20.07 5.40
N ASP A 305 -9.17 21.39 5.52
CA ASP A 305 -9.41 22.28 4.38
C ASP A 305 -8.14 22.37 3.57
N ALA A 306 -8.00 21.46 2.62
CA ALA A 306 -6.81 21.46 1.82
C ALA A 306 -7.09 21.31 0.34
N ALA A 307 -6.21 21.87 -0.44
CA ALA A 307 -6.12 21.57 -1.86
C ALA A 307 -5.36 20.27 -2.06
N ILE A 308 -5.99 19.34 -2.79
CA ILE A 308 -5.44 18.01 -3.01
C ILE A 308 -4.65 17.90 -4.30
N VAL A 309 -3.36 17.61 -4.17
CA VAL A 309 -2.51 17.58 -5.31
C VAL A 309 -2.81 16.34 -6.18
N PHE A 310 -2.93 15.16 -5.59
CA PHE A 310 -3.14 13.93 -6.39
C PHE A 310 -4.45 13.31 -5.90
N GLU A 311 -5.55 13.63 -6.59
CA GLU A 311 -6.88 13.25 -6.15
C GLU A 311 -7.06 11.77 -6.39
N LYS A 312 -7.92 11.16 -5.61
CA LYS A 312 -8.11 9.73 -5.77
C LYS A 312 -8.86 9.46 -7.07
N VAL A 313 -8.44 8.40 -7.74
CA VAL A 313 -9.18 7.92 -8.89
C VAL A 313 -9.99 6.65 -8.61
N ASP A 314 -11.28 6.76 -8.85
CA ASP A 314 -12.17 5.65 -8.72
C ASP A 314 -12.00 4.73 -9.91
N LEU A 315 -12.06 3.44 -9.62
CA LEU A 315 -11.82 2.38 -10.62
C LEU A 315 -13.20 1.92 -11.09
N ASN A 316 -13.44 1.98 -12.37
CA ASN A 316 -14.69 1.59 -12.96
C ASN A 316 -14.41 0.21 -13.57
N ASN A 317 -15.44 -0.61 -13.59
CA ASN A 317 -15.40 -1.92 -14.23
C ASN A 317 -14.36 -2.89 -13.59
N THR A 318 -14.31 -2.92 -12.25
CA THR A 318 -13.66 -4.02 -11.63
C THR A 318 -14.49 -5.28 -11.90
N ILE A 319 -13.90 -6.43 -11.61
CA ILE A 319 -14.54 -7.72 -11.89
C ILE A 319 -15.98 -7.81 -11.33
N GLY A 320 -16.14 -7.31 -10.12
CA GLY A 320 -17.45 -7.36 -9.45
C GLY A 320 -18.49 -6.51 -10.14
N GLU A 321 -18.05 -5.42 -10.75
CA GLU A 321 -19.01 -4.51 -11.41
C GLU A 321 -19.36 -5.08 -12.76
N ILE A 322 -18.37 -5.74 -13.38
CA ILE A 322 -18.66 -6.47 -14.63
C ILE A 322 -19.61 -7.63 -14.41
N ALA A 323 -19.39 -8.39 -13.34
CA ALA A 323 -20.31 -9.48 -13.01
C ALA A 323 -21.75 -8.98 -12.85
N GLN A 324 -21.89 -7.88 -12.13
CA GLN A 324 -23.17 -7.25 -11.90
C GLN A 324 -23.87 -6.90 -13.23
N ASN A 325 -23.13 -6.26 -14.10
CA ASN A 325 -23.65 -5.78 -15.35
C ASN A 325 -23.86 -6.85 -16.36
N ASN A 326 -23.49 -8.09 -16.04
CA ASN A 326 -23.89 -9.24 -16.84
C ASN A 326 -24.90 -10.09 -16.10
N ASN A 327 -25.58 -9.51 -15.12
CA ASN A 327 -26.51 -10.26 -14.33
C ASN A 327 -26.01 -11.57 -13.75
N LEU A 328 -24.78 -11.56 -13.25
CA LEU A 328 -24.22 -12.73 -12.58
C LEU A 328 -24.31 -12.51 -11.08
N THR A 329 -24.32 -13.58 -10.33
CA THR A 329 -24.23 -13.52 -8.87
C THR A 329 -22.77 -13.85 -8.47
N GLN A 330 -22.35 -13.27 -7.35
CA GLN A 330 -20.99 -13.47 -6.84
C GLN A 330 -20.93 -13.60 -5.36
N LEU A 331 -19.95 -14.35 -4.91
CA LEU A 331 -19.64 -14.47 -3.46
C LEU A 331 -18.21 -14.05 -3.21
N ARG A 332 -18.01 -13.24 -2.16
CA ARG A 332 -16.71 -12.91 -1.60
C ARG A 332 -16.60 -13.64 -0.28
N ILE A 333 -15.53 -14.38 -0.07
CA ILE A 333 -15.42 -15.17 1.18
C ILE A 333 -13.99 -15.30 1.68
N ALA A 334 -13.80 -15.01 2.96
CA ALA A 334 -12.50 -15.22 3.58
C ALA A 334 -12.71 -15.13 5.13
N GLU A 335 -11.70 -15.55 5.88
CA GLU A 335 -11.67 -15.21 7.29
C GLU A 335 -11.23 -13.75 7.51
N THR A 336 -11.45 -13.28 8.72
CA THR A 336 -11.28 -11.90 9.06
C THR A 336 -10.01 -11.29 8.46
N GLU A 337 -8.90 -11.98 8.66
CA GLU A 337 -7.63 -11.37 8.33
C GLU A 337 -7.49 -10.99 6.82
N LYS A 338 -8.25 -11.62 5.91
CA LYS A 338 -8.26 -11.26 4.50
C LYS A 338 -9.62 -10.88 3.97
N TYR A 339 -10.54 -10.59 4.91
CA TYR A 339 -11.92 -10.26 4.53
C TYR A 339 -12.02 -8.88 3.83
N PRO A 340 -11.31 -7.83 4.33
CA PRO A 340 -11.28 -6.57 3.58
C PRO A 340 -10.67 -6.68 2.19
N HIS A 341 -9.80 -7.68 2.02
CA HIS A 341 -9.09 -7.90 0.78
C HIS A 341 -10.00 -8.44 -0.34
N VAL A 342 -10.89 -9.34 0.01
CA VAL A 342 -11.79 -9.98 -0.91
C VAL A 342 -13.07 -9.16 -1.09
N THR A 343 -13.27 -8.16 -0.21
CA THR A 343 -14.40 -7.27 -0.29
C THR A 343 -13.97 -5.93 -0.84
N TYR A 344 -13.66 -4.99 0.06
CA TYR A 344 -13.28 -3.62 -0.24
C TYR A 344 -12.18 -3.44 -1.34
N PHE A 345 -11.02 -4.09 -1.14
CA PHE A 345 -9.93 -3.97 -2.10
C PHE A 345 -10.23 -4.65 -3.45
N MET A 346 -10.84 -5.82 -3.37
CA MET A 346 -11.33 -6.53 -4.57
C MET A 346 -12.28 -5.70 -5.42
N SER A 347 -13.07 -4.87 -4.74
CA SER A 347 -14.09 -4.05 -5.43
C SER A 347 -13.52 -2.69 -5.81
N GLY A 348 -12.19 -2.55 -5.72
CA GLY A 348 -11.52 -1.35 -6.16
C GLY A 348 -11.61 -0.24 -5.12
N GLY A 349 -11.71 -0.63 -3.85
CA GLY A 349 -11.73 0.38 -2.75
C GLY A 349 -13.13 0.91 -2.56
N ARG A 350 -14.07 -0.02 -2.53
CA ARG A 350 -15.48 0.23 -2.37
C ARG A 350 -16.05 -0.76 -1.33
N ASN A 351 -16.73 -0.24 -0.32
CA ASN A 351 -17.41 -1.06 0.69
C ASN A 351 -18.75 -1.63 0.25
N GLU A 352 -19.51 -0.86 -0.52
CA GLU A 352 -20.88 -1.23 -0.95
C GLU A 352 -20.89 -2.51 -1.77
N GLU A 353 -21.82 -3.41 -1.49
CA GLU A 353 -21.93 -4.61 -2.29
C GLU A 353 -22.51 -4.24 -3.64
N PHE A 354 -22.07 -4.92 -4.69
CA PHE A 354 -22.69 -4.85 -6.01
C PHE A 354 -24.01 -5.56 -6.02
N LYS A 355 -24.88 -5.25 -6.97
CA LYS A 355 -26.12 -6.04 -7.13
C LYS A 355 -25.76 -7.49 -7.45
N GLY A 356 -26.35 -8.42 -6.73
CA GLY A 356 -26.13 -9.84 -6.91
C GLY A 356 -24.91 -10.33 -6.13
N GLU A 357 -24.24 -9.44 -5.39
CA GLU A 357 -23.08 -9.81 -4.53
C GLU A 357 -23.58 -10.20 -3.14
N ARG A 358 -23.06 -11.30 -2.59
CA ARG A 358 -23.20 -11.62 -1.20
C ARG A 358 -21.79 -11.98 -0.72
N ARG A 359 -21.63 -11.96 0.59
CA ARG A 359 -20.36 -12.08 1.28
C ARG A 359 -20.43 -13.02 2.45
N ARG A 360 -19.30 -13.64 2.77
CA ARG A 360 -19.23 -14.48 3.93
C ARG A 360 -17.94 -14.18 4.71
N LEU A 361 -18.11 -13.67 5.93
CA LEU A 361 -17.01 -13.41 6.81
C LEU A 361 -16.92 -14.60 7.78
N ILE A 362 -15.76 -15.23 7.91
CA ILE A 362 -15.52 -16.28 8.93
C ILE A 362 -14.54 -15.66 9.91
N ASP A 363 -14.82 -15.78 11.24
CA ASP A 363 -13.95 -15.14 12.23
C ASP A 363 -12.64 -15.89 12.33
N SER A 364 -11.58 -15.12 12.31
CA SER A 364 -10.22 -15.62 12.52
C SER A 364 -10.06 -15.95 14.00
N PRO A 365 -9.12 -16.83 14.33
CA PRO A 365 -8.81 -16.99 15.76
C PRO A 365 -8.19 -15.74 16.32
N LYS A 366 -8.37 -15.55 17.62
CA LYS A 366 -7.89 -14.40 18.32
C LYS A 366 -6.59 -14.77 19.01
N VAL A 367 -5.49 -14.70 18.29
CA VAL A 367 -4.20 -15.08 18.82
C VAL A 367 -3.26 -13.97 18.41
N ALA A 368 -2.22 -13.76 19.19
CA ALA A 368 -1.29 -12.72 18.87
C ALA A 368 -0.53 -13.02 17.56
N THR A 369 -0.21 -14.28 17.35
CA THR A 369 0.55 -14.75 16.20
C THR A 369 -0.07 -16.09 15.80
N TYR A 370 -0.16 -16.31 14.48
CA TYR A 370 -0.92 -17.43 13.92
C TYR A 370 -0.18 -18.74 13.87
N ASP A 371 1.13 -18.76 14.21
CA ASP A 371 1.83 -20.02 14.40
C ASP A 371 1.11 -20.84 15.47
N LEU A 372 0.38 -20.18 16.38
CA LEU A 372 -0.30 -20.91 17.45
C LEU A 372 -1.47 -21.68 16.93
N LYS A 373 -1.98 -21.37 15.73
CA LYS A 373 -3.06 -22.17 15.15
C LYS A 373 -2.94 -22.09 13.62
N PRO A 374 -2.09 -22.93 13.06
CA PRO A 374 -1.66 -22.77 11.66
C PRO A 374 -2.79 -22.96 10.69
N GLU A 375 -3.78 -23.78 11.05
CA GLU A 375 -5.00 -23.95 10.24
C GLU A 375 -5.97 -22.78 10.25
N MET A 376 -5.75 -21.88 11.19
CA MET A 376 -6.58 -20.73 11.43
C MET A 376 -8.03 -21.15 11.32
N SER A 377 -8.85 -20.38 10.60
CA SER A 377 -10.22 -20.80 10.31
C SER A 377 -10.45 -21.32 8.87
N ALA A 378 -9.42 -21.93 8.27
CA ALA A 378 -9.51 -22.41 6.91
C ALA A 378 -10.56 -23.48 6.76
N TYR A 379 -10.68 -24.43 7.69
CA TYR A 379 -11.74 -25.47 7.56
C TYR A 379 -13.17 -24.89 7.59
N GLU A 380 -13.40 -23.88 8.41
CA GLU A 380 -14.72 -23.24 8.49
CA GLU A 380 -14.70 -23.19 8.52
C GLU A 380 -14.97 -22.37 7.26
N VAL A 381 -13.92 -21.76 6.73
CA VAL A 381 -14.09 -21.07 5.43
C VAL A 381 -14.53 -22.07 4.39
N LYS A 382 -13.83 -23.18 4.29
CA LYS A 382 -14.19 -24.20 3.29
C LYS A 382 -15.59 -24.77 3.49
N ASP A 383 -15.97 -25.02 4.75
CA ASP A 383 -17.32 -25.54 5.01
C ASP A 383 -18.39 -24.49 4.65
N ALA A 384 -18.09 -23.22 4.93
CA ALA A 384 -18.97 -22.17 4.44
C ALA A 384 -19.07 -22.18 2.91
N LEU A 385 -17.94 -22.29 2.25
CA LEU A 385 -17.97 -22.21 0.81
C LEU A 385 -18.74 -23.41 0.22
N LEU A 386 -18.53 -24.61 0.77
CA LEU A 386 -19.29 -25.77 0.33
C LEU A 386 -20.78 -25.54 0.48
N GLU A 387 -21.21 -24.96 1.61
CA GLU A 387 -22.65 -24.68 1.84
C GLU A 387 -23.15 -23.72 0.77
N GLU A 388 -22.36 -22.68 0.50
CA GLU A 388 -22.74 -21.78 -0.57
C GLU A 388 -22.82 -22.45 -1.96
N LEU A 389 -21.85 -23.25 -2.32
CA LEU A 389 -21.90 -23.86 -3.65
C LEU A 389 -23.07 -24.84 -3.81
N ASN A 390 -23.43 -25.50 -2.71
CA ASN A 390 -24.59 -26.41 -2.73
C ASN A 390 -25.89 -25.73 -3.01
N LYS A 391 -25.92 -24.40 -2.90
CA LYS A 391 -27.11 -23.64 -3.26
C LYS A 391 -27.26 -23.56 -4.79
N GLY A 392 -26.17 -23.83 -5.51
CA GLY A 392 -26.16 -23.87 -6.98
C GLY A 392 -26.51 -22.54 -7.68
N ASP A 393 -26.49 -21.42 -6.96
CA ASP A 393 -26.88 -20.13 -7.56
C ASP A 393 -25.73 -19.12 -7.77
N LEU A 394 -24.47 -19.56 -7.69
CA LEU A 394 -23.33 -18.66 -7.85
C LEU A 394 -22.69 -18.81 -9.19
N ASP A 395 -22.48 -17.67 -9.87
CA ASP A 395 -21.64 -17.60 -11.07
C ASP A 395 -20.14 -17.39 -10.78
N LEU A 396 -19.82 -16.52 -9.81
CA LEU A 396 -18.44 -16.10 -9.53
C LEU A 396 -18.17 -16.24 -8.05
N ILE A 397 -17.01 -16.78 -7.70
CA ILE A 397 -16.54 -16.82 -6.31
C ILE A 397 -15.12 -16.26 -6.26
N ILE A 398 -14.91 -15.43 -5.26
CA ILE A 398 -13.61 -14.90 -4.88
C ILE A 398 -13.35 -15.32 -3.41
N LEU A 399 -12.42 -16.24 -3.26
CA LEU A 399 -12.03 -16.88 -2.01
C LEU A 399 -10.59 -16.61 -1.75
N ASN A 400 -10.23 -16.31 -0.51
CA ASN A 400 -8.90 -16.17 -0.06
C ASN A 400 -8.71 -17.10 1.11
N PHE A 401 -7.69 -17.95 1.01
CA PHE A 401 -7.17 -18.66 2.17
C PHE A 401 -5.99 -17.90 2.76
N ALA A 402 -6.24 -17.29 3.91
CA ALA A 402 -5.26 -16.38 4.57
C ALA A 402 -3.96 -17.00 5.09
N ASN A 403 -4.00 -18.29 5.35
CA ASN A 403 -3.03 -18.92 6.22
C ASN A 403 -1.55 -18.72 5.83
N PRO A 404 -1.19 -18.94 4.54
CA PRO A 404 0.26 -18.96 4.29
C PRO A 404 0.94 -17.62 4.60
N ASP A 405 0.27 -16.50 4.28
CA ASP A 405 0.77 -15.20 4.61
C ASP A 405 0.76 -14.98 6.12
N MET A 406 -0.37 -15.26 6.76
CA MET A 406 -0.55 -14.82 8.17
C MET A 406 0.33 -15.66 9.07
N VAL A 407 0.44 -16.95 8.80
CA VAL A 407 1.35 -17.80 9.56
C VAL A 407 2.79 -17.58 9.14
N GLY A 408 3.02 -17.42 7.84
CA GLY A 408 4.37 -17.18 7.40
C GLY A 408 5.03 -15.95 7.99
N HIS A 409 4.27 -14.91 8.30
CA HIS A 409 4.85 -13.72 8.94
C HIS A 409 5.54 -14.09 10.30
N SER A 410 5.23 -15.27 10.84
CA SER A 410 5.79 -15.68 12.12
C SER A 410 7.27 -16.00 11.92
N GLY A 411 7.71 -16.31 10.69
CA GLY A 411 9.07 -16.63 10.46
C GLY A 411 9.48 -17.99 11.02
N MET A 412 8.51 -18.86 11.24
CA MET A 412 8.68 -20.21 11.78
C MET A 412 8.25 -21.23 10.76
N LEU A 413 9.17 -22.12 10.43
CA LEU A 413 8.99 -23.02 9.32
C LEU A 413 8.00 -24.10 9.55
N GLU A 414 8.08 -24.83 10.67
CA GLU A 414 7.14 -25.97 10.82
C GLU A 414 5.66 -25.47 10.89
N PRO A 415 5.39 -24.36 11.57
CA PRO A 415 3.98 -23.98 11.56
C PRO A 415 3.51 -23.46 10.19
N THR A 416 4.38 -22.85 9.41
CA THR A 416 3.99 -22.36 8.12
C THR A 416 3.72 -23.54 7.20
N ILE A 417 4.55 -24.60 7.32
CA ILE A 417 4.26 -25.85 6.63
C ILE A 417 2.87 -26.42 6.95
N LYS A 418 2.52 -26.51 8.26
CA LYS A 418 1.22 -27.00 8.64
C LYS A 418 0.08 -26.13 8.12
N ALA A 419 0.32 -24.83 8.09
CA ALA A 419 -0.67 -23.89 7.56
C ALA A 419 -0.96 -24.24 6.08
N ILE A 420 0.10 -24.52 5.34
CA ILE A 420 0.00 -24.81 3.91
C ILE A 420 -0.68 -26.14 3.73
N GLU A 421 -0.39 -27.10 4.61
CA GLU A 421 -0.97 -28.40 4.51
C GLU A 421 -2.45 -28.33 4.84
N ALA A 422 -2.86 -27.51 5.83
CA ALA A 422 -4.27 -27.30 6.11
C ALA A 422 -5.04 -26.75 4.94
N VAL A 423 -4.46 -25.73 4.30
CA VAL A 423 -5.03 -25.07 3.13
C VAL A 423 -5.12 -26.07 2.00
N ASP A 424 -4.15 -26.98 1.84
CA ASP A 424 -4.22 -27.97 0.74
C ASP A 424 -5.34 -28.95 0.92
N GLU A 425 -5.57 -29.39 2.15
CA GLU A 425 -6.75 -30.19 2.40
C GLU A 425 -8.08 -29.45 2.01
N CYS A 426 -8.22 -28.22 2.45
CA CYS A 426 -9.41 -27.46 2.09
C CYS A 426 -9.53 -27.22 0.61
N LEU A 427 -8.42 -26.98 -0.06
CA LEU A 427 -8.38 -26.64 -1.48
C LEU A 427 -8.94 -27.82 -2.28
N GLY A 428 -8.51 -29.03 -1.93
CA GLY A 428 -9.04 -30.28 -2.57
C GLY A 428 -10.56 -30.40 -2.47
N GLU A 429 -11.10 -30.16 -1.30
CA GLU A 429 -12.54 -30.19 -1.14
C GLU A 429 -13.24 -29.13 -1.97
N VAL A 430 -12.72 -27.91 -1.94
CA VAL A 430 -13.31 -26.78 -2.69
C VAL A 430 -13.25 -27.06 -4.19
N VAL A 431 -12.06 -27.39 -4.66
CA VAL A 431 -11.89 -27.50 -6.10
C VAL A 431 -12.59 -28.73 -6.65
N ASP A 432 -12.57 -29.85 -5.92
CA ASP A 432 -13.29 -31.02 -6.42
C ASP A 432 -14.78 -30.76 -6.48
N LYS A 433 -15.35 -30.05 -5.50
CA LYS A 433 -16.75 -29.68 -5.60
C LYS A 433 -16.99 -28.82 -6.86
N ILE A 434 -16.13 -27.83 -7.10
CA ILE A 434 -16.32 -26.94 -8.28
C ILE A 434 -16.30 -27.77 -9.57
N LEU A 435 -15.36 -28.71 -9.67
CA LEU A 435 -15.20 -29.54 -10.87
C LEU A 435 -16.44 -30.44 -11.03
N ASP A 436 -16.92 -30.95 -9.91
CA ASP A 436 -18.20 -31.69 -9.85
C ASP A 436 -19.36 -30.93 -10.45
N MET A 437 -19.36 -29.63 -10.23
CA MET A 437 -20.40 -28.75 -10.77
C MET A 437 -20.11 -28.28 -12.18
N ASP A 438 -19.14 -28.90 -12.84
CA ASP A 438 -18.75 -28.55 -14.22
C ASP A 438 -18.28 -27.08 -14.31
N GLY A 439 -17.60 -26.63 -13.25
CA GLY A 439 -17.10 -25.27 -13.17
C GLY A 439 -15.62 -25.22 -13.29
N TYR A 440 -15.07 -24.05 -12.97
CA TYR A 440 -13.65 -23.81 -13.17
C TYR A 440 -13.05 -23.08 -11.96
N ALA A 441 -11.80 -23.40 -11.64
CA ALA A 441 -11.05 -22.68 -10.61
C ALA A 441 -9.76 -22.09 -11.21
N ILE A 442 -9.45 -20.89 -10.78
CA ILE A 442 -8.12 -20.35 -10.94
C ILE A 442 -7.50 -20.33 -9.57
N ILE A 443 -6.40 -21.06 -9.41
CA ILE A 443 -5.70 -21.13 -8.11
C ILE A 443 -4.43 -20.31 -8.28
N THR A 444 -4.22 -19.36 -7.37
CA THR A 444 -3.12 -18.44 -7.52
C THR A 444 -2.85 -17.74 -6.16
N ALA A 445 -2.11 -16.63 -6.16
CA ALA A 445 -1.79 -15.92 -4.94
C ALA A 445 -1.67 -14.42 -5.28
N ASP A 446 -1.64 -13.56 -4.25
CA ASP A 446 -1.53 -12.13 -4.38
C ASP A 446 -0.16 -11.53 -4.19
N HIS A 447 0.81 -12.39 -3.81
CA HIS A 447 2.25 -12.07 -3.63
C HIS A 447 2.82 -13.25 -2.80
N GLY A 448 4.13 -13.26 -2.63
CA GLY A 448 4.80 -14.29 -1.87
C GLY A 448 4.94 -13.90 -0.41
N ASN A 449 5.36 -14.91 0.35
CA ASN A 449 5.71 -14.81 1.78
C ASN A 449 6.18 -16.21 2.28
N SER A 450 5.29 -17.19 2.26
CA SER A 450 5.62 -18.53 2.89
C SER A 450 6.69 -19.32 2.17
N ASP A 451 6.91 -18.96 0.90
CA ASP A 451 8.04 -19.41 0.13
C ASP A 451 9.41 -19.06 0.74
N GLN A 452 9.44 -18.12 1.67
CA GLN A 452 10.68 -17.90 2.39
C GLN A 452 10.42 -17.37 3.79
N VAL A 453 10.65 -18.25 4.80
CA VAL A 453 10.46 -17.88 6.21
C VAL A 453 11.74 -17.91 7.09
N LEU A 454 12.87 -18.16 6.42
CA LEU A 454 14.22 -18.18 7.00
C LEU A 454 15.23 -17.45 6.08
N THR A 455 16.09 -16.64 6.70
CA THR A 455 17.24 -16.08 6.04
C THR A 455 18.13 -17.27 5.66
N ASP A 456 19.16 -16.99 4.87
CA ASP A 456 20.05 -18.05 4.43
C ASP A 456 20.88 -18.59 5.59
N ASP A 457 21.03 -17.78 6.64
CA ASP A 457 21.68 -18.21 7.87
C ASP A 457 20.74 -18.69 8.98
N ASP A 458 19.53 -19.14 8.58
CA ASP A 458 18.54 -19.70 9.48
C ASP A 458 17.95 -18.80 10.56
N GLN A 459 17.94 -17.48 10.39
CA GLN A 459 17.16 -16.67 11.30
C GLN A 459 15.73 -16.59 10.73
N PRO A 460 14.75 -16.30 11.57
CA PRO A 460 13.38 -15.95 11.15
C PRO A 460 13.40 -14.89 10.06
N MET A 461 12.59 -15.07 9.04
CA MET A 461 12.40 -14.03 8.00
C MET A 461 10.88 -13.88 8.03
N THR A 462 10.41 -12.67 8.14
CA THR A 462 9.03 -12.42 8.53
C THR A 462 8.27 -11.60 7.49
N THR A 463 8.84 -11.41 6.30
CA THR A 463 8.24 -10.49 5.36
C THR A 463 7.69 -11.20 4.12
N HIS A 464 6.97 -10.42 3.31
CA HIS A 464 6.65 -10.83 1.95
C HIS A 464 7.92 -11.05 1.08
N THR A 465 7.71 -11.66 -0.07
CA THR A 465 8.78 -11.82 -1.08
C THR A 465 8.41 -11.14 -2.37
N THR A 466 9.43 -10.95 -3.20
CA THR A 466 9.19 -10.45 -4.55
C THR A 466 8.97 -11.59 -5.56
N ASN A 467 8.81 -12.83 -5.11
CA ASN A 467 8.78 -13.95 -6.04
C ASN A 467 7.50 -13.95 -6.88
N PRO A 468 7.55 -14.50 -8.09
CA PRO A 468 6.32 -14.66 -8.87
C PRO A 468 5.40 -15.75 -8.28
N VAL A 469 4.10 -15.69 -8.60
CA VAL A 469 3.04 -16.51 -7.99
C VAL A 469 2.57 -17.55 -9.02
N PRO A 470 2.24 -18.75 -8.55
CA PRO A 470 1.72 -19.75 -9.46
C PRO A 470 0.30 -19.37 -9.96
N VAL A 471 -0.06 -19.89 -11.12
CA VAL A 471 -1.42 -19.88 -11.59
C VAL A 471 -1.72 -21.30 -12.09
N ILE A 472 -2.84 -21.86 -11.64
CA ILE A 472 -3.40 -23.09 -12.18
C ILE A 472 -4.81 -22.75 -12.63
N VAL A 473 -5.13 -23.07 -13.88
CA VAL A 473 -6.48 -22.88 -14.37
C VAL A 473 -7.07 -24.25 -14.70
N THR A 474 -8.16 -24.64 -14.06
CA THR A 474 -8.69 -26.04 -14.14
C THR A 474 -9.61 -26.25 -15.34
N LYS A 475 -9.07 -25.90 -16.50
CA LYS A 475 -9.77 -26.10 -17.78
C LYS A 475 -8.84 -26.89 -18.71
N GLU A 476 -9.34 -28.03 -19.19
CA GLU A 476 -8.56 -28.95 -20.01
C GLU A 476 -8.40 -28.49 -21.46
N GLY A 477 -7.28 -28.78 -22.08
CA GLY A 477 -7.15 -28.51 -23.50
C GLY A 477 -6.95 -27.09 -23.88
N VAL A 478 -6.26 -26.35 -23.02
CA VAL A 478 -6.00 -24.96 -23.21
C VAL A 478 -4.56 -24.73 -22.72
N THR A 479 -3.88 -23.72 -23.25
CA THR A 479 -2.53 -23.42 -22.88
C THR A 479 -2.52 -22.02 -22.27
N LEU A 480 -1.78 -21.81 -21.18
CA LEU A 480 -1.62 -20.48 -20.62
C LEU A 480 -0.40 -19.75 -21.23
N ARG A 481 -0.50 -18.43 -21.23
CA ARG A 481 0.60 -17.56 -21.61
C ARG A 481 1.71 -17.70 -20.60
N GLU A 482 2.94 -17.47 -21.03
CA GLU A 482 4.11 -17.84 -20.25
C GLU A 482 4.42 -16.96 -19.05
N THR A 483 4.00 -15.70 -19.10
CA THR A 483 4.19 -14.74 -18.03
CA THR A 483 4.09 -14.85 -17.91
C THR A 483 2.97 -13.84 -18.02
N GLY A 484 2.96 -12.90 -17.12
CA GLY A 484 1.84 -11.97 -17.00
C GLY A 484 1.89 -11.47 -15.58
N ARG A 485 0.77 -10.90 -15.15
CA ARG A 485 0.71 -10.12 -13.96
C ARG A 485 -0.65 -10.28 -13.32
N LEU A 486 -0.78 -9.80 -12.07
CA LEU A 486 -2.05 -9.91 -11.35
C LEU A 486 -3.26 -9.29 -12.06
N GLY A 487 -3.02 -8.18 -12.77
CA GLY A 487 -4.09 -7.54 -13.58
C GLY A 487 -4.62 -8.41 -14.77
N ASP A 488 -4.03 -9.59 -14.96
CA ASP A 488 -4.43 -10.53 -16.00
C ASP A 488 -5.43 -11.53 -15.46
N LEU A 489 -5.61 -11.59 -14.13
CA LEU A 489 -6.44 -12.63 -13.53
C LEU A 489 -7.92 -12.39 -13.78
N ALA A 490 -8.40 -11.18 -13.50
CA ALA A 490 -9.76 -10.92 -13.83
C ALA A 490 -10.12 -11.09 -15.36
N PRO A 491 -9.22 -10.65 -16.29
CA PRO A 491 -9.53 -11.05 -17.66
C PRO A 491 -9.66 -12.55 -17.87
N THR A 492 -8.89 -13.32 -17.15
CA THR A 492 -8.90 -14.74 -17.30
C THR A 492 -10.24 -15.28 -16.75
N LEU A 493 -10.72 -14.76 -15.61
CA LEU A 493 -12.07 -15.10 -15.15
C LEU A 493 -13.17 -14.81 -16.18
N LEU A 494 -13.18 -13.62 -16.74
CA LEU A 494 -14.21 -13.23 -17.74
C LEU A 494 -14.17 -14.18 -18.95
N ASP A 495 -12.96 -14.55 -19.34
CA ASP A 495 -12.76 -15.48 -20.44
C ASP A 495 -13.46 -16.82 -20.07
N LEU A 496 -13.21 -17.30 -18.86
CA LEU A 496 -13.80 -18.57 -18.40
C LEU A 496 -15.30 -18.45 -18.34
N LEU A 497 -15.81 -17.29 -18.00
CA LEU A 497 -17.25 -17.06 -17.89
C LEU A 497 -17.90 -16.69 -19.23
N ASN A 498 -17.10 -16.52 -20.25
CA ASN A 498 -17.56 -16.07 -21.54
C ASN A 498 -18.27 -14.73 -21.48
N VAL A 499 -17.71 -13.81 -20.71
CA VAL A 499 -18.25 -12.50 -20.56
C VAL A 499 -17.32 -11.56 -21.25
N GLU A 500 -17.90 -10.58 -21.92
CA GLU A 500 -17.08 -9.61 -22.62
C GLU A 500 -16.33 -8.71 -21.66
N GLN A 501 -15.11 -8.38 -22.06
CA GLN A 501 -14.19 -7.59 -21.26
C GLN A 501 -14.22 -6.18 -21.78
N PRO A 502 -14.49 -5.21 -20.93
CA PRO A 502 -14.51 -3.85 -21.36
C PRO A 502 -13.07 -3.30 -21.50
N GLU A 503 -13.00 -2.17 -22.20
CA GLU A 503 -11.73 -1.52 -22.61
C GLU A 503 -10.93 -1.00 -21.44
N ASP A 504 -11.60 -0.65 -20.33
CA ASP A 504 -10.85 -0.13 -19.21
C ASP A 504 -10.20 -1.20 -18.32
N MET A 505 -10.55 -2.48 -18.54
CA MET A 505 -9.70 -3.56 -18.08
C MET A 505 -8.62 -3.81 -19.11
N THR A 506 -7.44 -3.28 -18.86
CA THR A 506 -6.39 -3.40 -19.82
C THR A 506 -5.55 -4.67 -19.69
N GLY A 507 -5.76 -5.48 -18.68
CA GLY A 507 -5.00 -6.72 -18.63
C GLY A 507 -5.50 -7.69 -19.70
N GLU A 508 -4.90 -8.86 -19.73
CA GLU A 508 -5.12 -9.79 -20.78
C GLU A 508 -5.29 -11.21 -20.23
N SER A 509 -6.29 -11.93 -20.72
CA SER A 509 -6.55 -13.33 -20.31
C SER A 509 -5.29 -14.14 -20.44
N LEU A 510 -5.03 -14.98 -19.45
CA LEU A 510 -3.89 -15.82 -19.44
C LEU A 510 -4.07 -17.01 -20.39
N ILE A 511 -5.31 -17.29 -20.80
CA ILE A 511 -5.57 -18.41 -21.68
C ILE A 511 -5.27 -17.98 -23.11
N LYS A 512 -4.43 -18.74 -23.81
CA LYS A 512 -4.08 -18.43 -25.21
C LYS A 512 -5.22 -18.75 -26.18
N HIS A 513 -5.41 -17.94 -27.21
CA HIS A 513 -6.39 -18.30 -28.22
C HIS A 513 -5.81 -18.33 -29.59
#